data_7ERJ
#
_entry.id   7ERJ
#
_cell.length_a   43.639
_cell.length_b   85.970
_cell.length_c   63.343
_cell.angle_alpha   90.00
_cell.angle_beta   90.00
_cell.angle_gamma   90.00
#
_symmetry.space_group_name_H-M   'P 21 21 2'
#
loop_
_entity.id
_entity.type
_entity.pdbx_description
1 polymer Transthyretin
2 non-polymer 4-chloranyl-2-[(5-chloranyl-2-oxidanyl-phenyl)methyl]phenol
3 non-polymer 'CALCIUM ION'
4 water water
#
_entity_poly.entity_id   1
_entity_poly.type   'polypeptide(L)'
_entity_poly.pdbx_seq_one_letter_code
;MRGSHHHHHHGSMASHRLLLLCLAGLVFVSEAGPTGTGESKCPLMVKVLDAVRGSPAINVAMHVFRKAADDTWEPFASGK
TSESGELHGLTTEEEFVEGIYKVEIDTKSYWKALGISPFHEHAEVVFTANDSGPRRYTIAALLSPYSYSTTAVVTNPKE
;
_entity_poly.pdbx_strand_id   A,B
#
loop_
_chem_comp.id
_chem_comp.type
_chem_comp.name
_chem_comp.formula
CA non-polymer 'CALCIUM ION' 'Ca 2'
JAL non-polymer 4-chloranyl-2-[(5-chloranyl-2-oxidanyl-phenyl)methyl]phenol 'C13 H10 Cl2 O2'
#
# COMPACT_ATOMS: atom_id res chain seq x y z
N CYS A 42 23.54 -4.37 -5.35
CA CYS A 42 22.30 -4.48 -4.60
C CYS A 42 21.17 -3.79 -5.37
N PRO A 43 20.35 -4.61 -6.05
CA PRO A 43 19.31 -4.07 -6.93
C PRO A 43 17.98 -3.78 -6.26
N LEU A 44 17.77 -4.20 -5.01
CA LEU A 44 16.50 -3.96 -4.32
C LEU A 44 16.81 -3.69 -2.86
N MET A 45 16.58 -2.45 -2.41
CA MET A 45 16.79 -2.05 -1.02
C MET A 45 15.53 -1.37 -0.52
N VAL A 46 15.28 -1.49 0.79
CA VAL A 46 14.10 -0.89 1.42
C VAL A 46 14.54 -0.07 2.63
N LYS A 47 13.94 1.12 2.79
CA LYS A 47 14.26 2.02 3.89
C LYS A 47 12.95 2.42 4.56
N VAL A 48 12.89 2.31 5.88
CA VAL A 48 11.67 2.57 6.63
C VAL A 48 11.95 3.60 7.72
N LEU A 49 11.11 4.62 7.80
CA LEU A 49 11.23 5.68 8.79
C LEU A 49 9.96 5.77 9.64
N ASP A 50 10.14 6.20 10.88
CA ASP A 50 9.07 6.33 11.86
C ASP A 50 8.80 7.83 12.03
N ALA A 51 7.60 8.27 11.63
CA ALA A 51 7.23 9.69 11.63
C ALA A 51 6.81 10.19 13.01
N VAL A 52 6.60 9.29 13.96
CA VAL A 52 6.20 9.67 15.31
C VAL A 52 7.40 9.90 16.21
N ARG A 53 8.44 9.09 16.03
CA ARG A 53 9.65 9.24 16.84
C ARG A 53 10.77 9.97 16.11
N GLY A 54 10.63 10.19 14.80
CA GLY A 54 11.71 10.85 14.06
C GLY A 54 12.97 9.99 14.03
N SER A 55 12.80 8.73 13.70
CA SER A 55 13.90 7.79 13.75
C SER A 55 13.72 6.76 12.66
N PRO A 56 14.76 6.03 12.30
CA PRO A 56 14.56 4.84 11.46
C PRO A 56 13.62 3.88 12.18
N ALA A 57 12.84 3.13 11.41
CA ALA A 57 11.97 2.11 11.98
C ALA A 57 12.77 0.81 11.99
N ILE A 58 13.19 0.38 13.19
CA ILE A 58 14.12 -0.72 13.38
C ILE A 58 13.35 -2.02 13.57
N ASN A 59 13.89 -3.11 13.01
CA ASN A 59 13.34 -4.46 13.22
CA ASN A 59 13.33 -4.46 13.24
C ASN A 59 11.95 -4.63 12.59
N VAL A 60 11.71 -3.96 11.46
CA VAL A 60 10.46 -4.13 10.74
C VAL A 60 10.61 -5.32 9.79
N ALA A 61 9.72 -6.29 9.91
CA ALA A 61 9.76 -7.46 9.03
C ALA A 61 9.10 -7.10 7.70
N MET A 62 9.58 -7.74 6.63
CA MET A 62 8.90 -7.63 5.35
C MET A 62 9.17 -8.86 4.50
N HIS A 63 8.22 -9.14 3.60
CA HIS A 63 8.26 -10.29 2.71
C HIS A 63 8.09 -9.78 1.29
N VAL A 64 8.90 -10.29 0.37
CA VAL A 64 8.82 -9.94 -1.04
C VAL A 64 8.29 -11.14 -1.80
N PHE A 65 7.31 -10.92 -2.67
CA PHE A 65 6.72 -11.94 -3.51
C PHE A 65 6.87 -11.56 -4.96
N ARG A 66 6.82 -12.57 -5.83
CA ARG A 66 6.87 -12.37 -7.27
C ARG A 66 5.71 -13.10 -7.92
N LYS A 67 5.02 -12.46 -8.86
CA LYS A 67 3.84 -13.07 -9.45
C LYS A 67 4.28 -14.16 -10.41
N ALA A 68 3.79 -15.38 -10.22
CA ALA A 68 4.18 -16.48 -11.09
C ALA A 68 3.28 -16.53 -12.33
N ALA A 69 3.66 -17.39 -13.29
CA ALA A 69 2.94 -17.51 -14.55
C ALA A 69 1.48 -17.94 -14.35
N ASP A 70 1.19 -18.71 -13.31
CA ASP A 70 -0.18 -19.07 -13.00
C ASP A 70 -0.91 -18.02 -12.17
N ASP A 71 -0.35 -16.80 -12.06
CA ASP A 71 -0.98 -15.64 -11.44
C ASP A 71 -1.00 -15.69 -9.91
N THR A 72 -0.25 -16.58 -9.27
CA THR A 72 -0.14 -16.61 -7.83
C THR A 72 1.14 -15.90 -7.37
N TRP A 73 1.13 -15.46 -6.11
CA TRP A 73 2.29 -14.81 -5.52
C TRP A 73 3.24 -15.85 -4.96
N GLU A 74 4.44 -15.91 -5.50
CA GLU A 74 5.41 -16.86 -4.97
C GLU A 74 6.42 -16.13 -4.08
N PRO A 75 6.75 -16.71 -2.93
CA PRO A 75 7.78 -16.11 -2.07
C PRO A 75 9.09 -15.88 -2.82
N PHE A 76 9.69 -14.73 -2.60
CA PHE A 76 10.93 -14.34 -3.28
C PHE A 76 12.07 -14.02 -2.32
N ALA A 77 11.80 -13.28 -1.24
CA ALA A 77 12.84 -12.93 -0.26
C ALA A 77 12.15 -12.32 0.95
N SER A 78 12.90 -12.25 2.07
CA SER A 78 12.37 -11.63 3.28
C SER A 78 13.52 -11.22 4.19
N GLY A 79 13.19 -10.41 5.20
CA GLY A 79 14.20 -9.84 6.08
C GLY A 79 13.58 -8.84 7.03
N LYS A 80 14.43 -8.24 7.86
CA LYS A 80 14.04 -7.24 8.85
C LYS A 80 14.97 -6.04 8.68
N THR A 81 14.45 -4.83 8.92
CA THR A 81 15.29 -3.64 8.81
C THR A 81 16.30 -3.60 9.95
N SER A 82 17.43 -2.99 9.67
CA SER A 82 18.56 -2.88 10.59
C SER A 82 18.36 -1.68 11.51
N GLU A 83 19.41 -1.36 12.29
CA GLU A 83 19.37 -0.21 13.18
C GLU A 83 19.25 1.10 12.43
N SER A 84 19.55 1.11 11.13
CA SER A 84 19.39 2.31 10.32
C SER A 84 18.08 2.29 9.52
N GLY A 85 17.19 1.34 9.81
CA GLY A 85 15.93 1.28 9.11
C GLY A 85 16.03 0.75 7.69
N GLU A 86 17.14 0.11 7.35
CA GLU A 86 17.39 -0.35 5.99
C GLU A 86 17.44 -1.88 5.94
N LEU A 87 17.01 -2.43 4.80
CA LEU A 87 17.10 -3.86 4.54
C LEU A 87 17.81 -4.00 3.20
N HIS A 88 19.03 -4.54 3.23
CA HIS A 88 19.85 -4.76 2.05
C HIS A 88 19.98 -6.26 1.78
N GLY A 89 20.53 -6.58 0.60
CA GLY A 89 20.87 -7.96 0.30
C GLY A 89 19.70 -8.89 0.12
N LEU A 90 18.56 -8.38 -0.36
CA LEU A 90 17.41 -9.23 -0.58
C LEU A 90 17.61 -10.18 -1.76
N THR A 91 18.27 -9.70 -2.82
CA THR A 91 18.37 -10.48 -4.05
C THR A 91 19.65 -10.08 -4.77
N THR A 92 19.87 -10.66 -5.95
CA THR A 92 21.02 -10.34 -6.79
C THR A 92 20.51 -9.97 -8.16
N GLU A 93 21.39 -9.36 -8.95
CA GLU A 93 21.01 -8.93 -10.29
C GLU A 93 20.54 -10.10 -11.14
N GLU A 94 21.18 -11.26 -11.00
CA GLU A 94 20.80 -12.40 -11.83
C GLU A 94 19.43 -12.95 -11.43
N GLU A 95 19.15 -12.98 -10.13
CA GLU A 95 17.89 -13.56 -9.66
C GLU A 95 16.71 -12.63 -9.86
N PHE A 96 16.95 -11.32 -9.95
CA PHE A 96 15.90 -10.31 -9.93
C PHE A 96 15.48 -9.99 -11.36
N VAL A 97 14.78 -10.96 -11.98
CA VAL A 97 14.38 -10.88 -13.38
C VAL A 97 13.15 -9.97 -13.53
N GLU A 98 12.78 -9.63 -14.77
CA GLU A 98 11.52 -8.92 -15.01
C GLU A 98 10.38 -9.64 -14.31
N GLY A 99 9.45 -8.86 -13.78
CA GLY A 99 8.23 -9.46 -13.29
C GLY A 99 7.49 -8.44 -12.44
N ILE A 100 6.37 -8.87 -11.90
CA ILE A 100 5.60 -8.05 -10.96
C ILE A 100 5.94 -8.52 -9.55
N TYR A 101 6.33 -7.58 -8.69
CA TYR A 101 6.83 -7.89 -7.36
C TYR A 101 5.95 -7.22 -6.33
N LYS A 102 5.82 -7.84 -5.17
CA LYS A 102 5.04 -7.26 -4.09
C LYS A 102 5.89 -7.26 -2.84
N VAL A 103 5.98 -6.11 -2.18
CA VAL A 103 6.70 -5.99 -0.91
C VAL A 103 5.65 -5.71 0.16
N GLU A 104 5.52 -6.62 1.11
CA GLU A 104 4.60 -6.46 2.24
C GLU A 104 5.41 -6.09 3.48
N ILE A 105 5.17 -4.89 4.02
CA ILE A 105 5.90 -4.39 5.18
C ILE A 105 5.00 -4.52 6.40
N ASP A 106 5.43 -5.29 7.39
CA ASP A 106 4.58 -5.64 8.54
C ASP A 106 4.60 -4.49 9.54
N THR A 107 3.83 -3.45 9.20
CA THR A 107 3.76 -2.26 10.03
C THR A 107 2.94 -2.48 11.29
N LYS A 108 1.93 -3.35 11.24
CA LYS A 108 1.10 -3.58 12.43
C LYS A 108 1.94 -4.07 13.61
N SER A 109 2.77 -5.10 13.39
CA SER A 109 3.61 -5.62 14.48
C SER A 109 4.55 -4.55 14.99
N TYR A 110 5.06 -3.70 14.11
CA TYR A 110 5.94 -2.61 14.54
C TYR A 110 5.25 -1.68 15.53
N TRP A 111 4.06 -1.18 15.18
CA TRP A 111 3.36 -0.24 16.08
C TRP A 111 2.90 -0.94 17.35
N LYS A 112 2.42 -2.19 17.24
CA LYS A 112 1.95 -2.92 18.42
C LYS A 112 3.05 -3.06 19.45
N ALA A 113 4.28 -3.35 19.01
CA ALA A 113 5.41 -3.46 19.93
C ALA A 113 5.76 -2.14 20.58
N LEU A 114 5.28 -1.02 20.05
CA LEU A 114 5.41 0.28 20.69
C LEU A 114 4.19 0.66 21.52
N GLY A 115 3.18 -0.22 21.59
CA GLY A 115 1.99 0.07 22.34
C GLY A 115 0.91 0.78 21.57
N ILE A 116 1.10 1.00 20.27
CA ILE A 116 0.13 1.67 19.41
C ILE A 116 -0.69 0.62 18.68
N SER A 117 -1.99 0.86 18.56
CA SER A 117 -2.85 0.03 17.75
CA SER A 117 -2.85 0.03 17.75
C SER A 117 -3.11 0.78 16.46
N PRO A 118 -2.51 0.38 15.34
CA PRO A 118 -2.58 1.19 14.12
C PRO A 118 -3.74 0.79 13.22
N PHE A 119 -3.95 1.58 12.16
CA PHE A 119 -5.04 1.32 11.25
C PHE A 119 -4.70 0.18 10.29
N HIS A 120 -3.51 0.20 9.70
CA HIS A 120 -3.20 -0.71 8.61
C HIS A 120 -2.68 -2.05 9.12
N GLU A 121 -3.02 -3.11 8.39
CA GLU A 121 -2.47 -4.44 8.64
C GLU A 121 -1.02 -4.51 8.20
N HIS A 122 -0.73 -3.98 7.01
CA HIS A 122 0.64 -3.86 6.53
C HIS A 122 0.64 -2.81 5.44
N ALA A 123 1.83 -2.41 5.02
CA ALA A 123 2.02 -1.58 3.85
C ALA A 123 2.37 -2.50 2.67
N GLU A 124 1.71 -2.29 1.54
CA GLU A 124 1.86 -3.16 0.38
C GLU A 124 2.35 -2.32 -0.79
N VAL A 125 3.46 -2.72 -1.41
CA VAL A 125 4.03 -2.00 -2.55
C VAL A 125 4.11 -2.99 -3.71
N VAL A 126 3.40 -2.71 -4.80
CA VAL A 126 3.34 -3.64 -5.94
C VAL A 126 3.82 -2.93 -7.18
N PHE A 127 4.75 -3.52 -7.91
CA PHE A 127 5.33 -2.81 -9.05
C PHE A 127 5.91 -3.80 -10.05
N THR A 128 5.97 -3.36 -11.31
CA THR A 128 6.72 -4.10 -12.34
C THR A 128 8.17 -3.67 -12.32
N ALA A 129 9.09 -4.64 -12.30
CA ALA A 129 10.51 -4.37 -12.19
C ALA A 129 11.23 -4.83 -13.46
N ASN A 130 12.24 -4.06 -13.85
CA ASN A 130 13.18 -4.43 -14.91
C ASN A 130 12.52 -4.61 -16.28
N ASP A 131 11.37 -3.96 -16.50
CA ASP A 131 10.68 -4.11 -17.77
C ASP A 131 11.50 -3.58 -18.95
N SER A 132 12.31 -2.55 -18.72
CA SER A 132 13.19 -2.00 -19.76
C SER A 132 14.66 -2.25 -19.46
N GLY A 133 14.98 -3.39 -18.84
CA GLY A 133 16.34 -3.70 -18.48
C GLY A 133 16.58 -3.56 -16.99
N PRO A 134 17.75 -4.01 -16.54
CA PRO A 134 18.03 -4.00 -15.09
C PRO A 134 18.04 -2.58 -14.54
N ARG A 135 17.50 -2.43 -13.33
CA ARG A 135 17.55 -1.17 -12.60
C ARG A 135 17.83 -1.49 -11.14
N ARG A 136 18.23 -0.46 -10.39
CA ARG A 136 18.36 -0.56 -8.94
C ARG A 136 17.17 0.17 -8.33
N TYR A 137 16.50 -0.49 -7.38
CA TYR A 137 15.28 0.04 -6.79
C TYR A 137 15.47 0.28 -5.30
N THR A 138 15.16 1.47 -4.84
CA THR A 138 15.04 1.76 -3.41
C THR A 138 13.59 2.08 -3.13
N ILE A 139 12.98 1.28 -2.26
CA ILE A 139 11.61 1.48 -1.82
C ILE A 139 11.68 2.13 -0.45
N ALA A 140 11.06 3.28 -0.29
CA ALA A 140 11.08 3.98 0.98
C ALA A 140 9.65 4.03 1.52
N ALA A 141 9.51 3.92 2.83
CA ALA A 141 8.21 3.98 3.48
C ALA A 141 8.33 4.85 4.72
N LEU A 142 7.42 5.81 4.87
CA LEU A 142 7.35 6.69 6.03
C LEU A 142 6.08 6.33 6.78
N LEU A 143 6.20 5.97 8.05
CA LEU A 143 5.10 5.33 8.78
C LEU A 143 4.56 6.22 9.89
N SER A 144 3.23 6.33 9.95
CA SER A 144 2.50 6.84 11.10
C SER A 144 1.41 5.86 11.44
N PRO A 145 0.81 5.96 12.64
CA PRO A 145 -0.18 4.94 13.02
C PRO A 145 -1.37 4.85 12.09
N TYR A 146 -1.87 5.98 11.59
CA TYR A 146 -3.03 5.99 10.71
C TYR A 146 -2.70 6.43 9.29
N SER A 147 -1.41 6.48 8.93
CA SER A 147 -1.06 6.96 7.61
C SER A 147 0.31 6.42 7.25
N TYR A 148 0.53 6.20 5.95
CA TYR A 148 1.89 5.93 5.50
C TYR A 148 2.06 6.43 4.08
N SER A 149 3.31 6.67 3.70
CA SER A 149 3.66 7.00 2.33
CA SER A 149 3.63 6.96 2.32
C SER A 149 4.70 6.00 1.85
N THR A 150 4.72 5.75 0.55
CA THR A 150 5.77 4.95 -0.05
CA THR A 150 5.76 4.93 -0.06
C THR A 150 6.23 5.62 -1.34
N THR A 151 7.53 5.60 -1.55
CA THR A 151 8.12 6.20 -2.74
C THR A 151 9.16 5.23 -3.26
N ALA A 152 9.48 5.34 -4.54
CA ALA A 152 10.53 4.53 -5.14
C ALA A 152 11.52 5.45 -5.81
N VAL A 153 12.82 5.19 -5.59
CA VAL A 153 13.91 5.79 -6.34
C VAL A 153 14.46 4.71 -7.26
N VAL A 154 14.43 4.97 -8.56
CA VAL A 154 14.83 3.97 -9.56
C VAL A 154 16.02 4.57 -10.31
N THR A 155 17.15 3.87 -10.29
CA THR A 155 18.35 4.37 -10.97
C THR A 155 18.89 3.35 -11.94
N ASN A 156 19.62 3.86 -12.94
CA ASN A 156 20.24 3.06 -13.98
C ASN A 156 21.75 3.35 -14.01
N CYS B 42 -23.29 5.89 5.59
CA CYS B 42 -22.12 5.61 4.77
C CYS B 42 -20.90 5.36 5.64
N PRO B 43 -20.65 4.09 5.98
CA PRO B 43 -19.56 3.77 6.92
C PRO B 43 -18.18 3.74 6.29
N LEU B 44 -18.07 3.81 4.96
CA LEU B 44 -16.78 3.66 4.29
C LEU B 44 -16.81 4.49 3.01
N MET B 45 -15.92 5.47 2.92
CA MET B 45 -15.79 6.33 1.75
C MET B 45 -14.32 6.41 1.39
N VAL B 46 -14.04 6.64 0.10
CA VAL B 46 -12.67 6.77 -0.40
C VAL B 46 -12.55 8.12 -1.12
N LYS B 47 -11.42 8.80 -0.91
CA LYS B 47 -11.12 10.06 -1.60
C LYS B 47 -9.73 9.94 -2.21
N VAL B 48 -9.59 10.33 -3.48
CA VAL B 48 -8.34 10.18 -4.20
C VAL B 48 -7.94 11.54 -4.80
N LEU B 49 -6.71 11.96 -4.56
CA LEU B 49 -6.20 13.24 -5.03
C LEU B 49 -4.97 13.03 -5.91
N ASP B 50 -4.72 13.99 -6.79
CA ASP B 50 -3.64 13.93 -7.77
C ASP B 50 -2.65 15.03 -7.38
N ALA B 51 -1.46 14.64 -6.93
CA ALA B 51 -0.44 15.58 -6.46
C ALA B 51 0.34 16.25 -7.59
N VAL B 52 0.18 15.79 -8.83
CA VAL B 52 0.85 16.41 -9.96
C VAL B 52 0.04 17.59 -10.49
N ARG B 53 -1.27 17.42 -10.64
CA ARG B 53 -2.13 18.47 -11.14
C ARG B 53 -2.87 19.23 -10.05
N GLY B 54 -2.78 18.80 -8.80
CA GLY B 54 -3.48 19.49 -7.72
C GLY B 54 -5.00 19.47 -7.90
N SER B 55 -5.56 18.28 -8.08
CA SER B 55 -6.97 18.14 -8.39
C SER B 55 -7.43 16.81 -7.83
N PRO B 56 -8.75 16.61 -7.70
CA PRO B 56 -9.24 15.27 -7.41
C PRO B 56 -8.86 14.34 -8.56
N ALA B 57 -8.63 13.08 -8.23
CA ALA B 57 -8.33 12.06 -9.23
C ALA B 57 -9.67 11.46 -9.66
N ILE B 58 -10.11 11.81 -10.86
CA ILE B 58 -11.44 11.48 -11.34
C ILE B 58 -11.37 10.21 -12.16
N ASN B 59 -12.43 9.40 -12.08
CA ASN B 59 -12.57 8.17 -12.86
C ASN B 59 -11.55 7.11 -12.45
N VAL B 60 -11.12 7.11 -11.21
CA VAL B 60 -10.20 6.07 -10.73
C VAL B 60 -11.02 4.87 -10.27
N ALA B 61 -10.70 3.70 -10.82
CA ALA B 61 -11.40 2.46 -10.45
C ALA B 61 -10.78 1.85 -9.21
N MET B 62 -11.61 1.24 -8.37
CA MET B 62 -11.07 0.50 -7.24
C MET B 62 -12.00 -0.65 -6.87
N HIS B 63 -11.42 -1.70 -6.29
CA HIS B 63 -12.18 -2.81 -5.70
C HIS B 63 -11.87 -2.92 -4.22
N VAL B 64 -12.86 -3.36 -3.45
CA VAL B 64 -12.70 -3.62 -2.03
C VAL B 64 -12.90 -5.11 -1.80
N PHE B 65 -11.99 -5.72 -1.04
CA PHE B 65 -12.04 -7.14 -0.74
C PHE B 65 -12.13 -7.33 0.76
N ARG B 66 -12.71 -8.45 1.16
CA ARG B 66 -12.73 -8.87 2.56
C ARG B 66 -12.01 -10.20 2.66
N LYS B 67 -11.18 -10.35 3.69
CA LYS B 67 -10.39 -11.57 3.81
C LYS B 67 -11.28 -12.69 4.32
N ALA B 68 -11.17 -13.86 3.67
CA ALA B 68 -11.98 -15.02 3.99
C ALA B 68 -11.24 -15.96 4.95
N ALA B 69 -11.95 -17.01 5.38
CA ALA B 69 -11.37 -17.96 6.32
C ALA B 69 -10.17 -18.70 5.72
N ASP B 70 -10.14 -18.86 4.40
CA ASP B 70 -9.03 -19.54 3.73
C ASP B 70 -7.92 -18.58 3.31
N ASP B 71 -7.91 -17.36 3.85
CA ASP B 71 -6.90 -16.34 3.54
C ASP B 71 -6.94 -15.88 2.09
N THR B 72 -8.08 -16.03 1.41
CA THR B 72 -8.27 -15.47 0.08
C THR B 72 -9.06 -14.17 0.17
N TRP B 73 -8.95 -13.38 -0.90
CA TRP B 73 -9.58 -12.06 -0.96
C TRP B 73 -10.91 -12.18 -1.69
N GLU B 74 -12.00 -12.01 -0.96
CA GLU B 74 -13.32 -12.08 -1.55
C GLU B 74 -13.76 -10.70 -2.01
N PRO B 75 -14.08 -10.50 -3.29
CA PRO B 75 -14.54 -9.17 -3.72
C PRO B 75 -15.82 -8.81 -2.99
N PHE B 76 -15.90 -7.56 -2.59
CA PHE B 76 -16.90 -7.01 -1.67
C PHE B 76 -17.65 -5.84 -2.27
N ALA B 77 -16.95 -4.94 -2.96
CA ALA B 77 -17.55 -3.74 -3.54
C ALA B 77 -16.54 -3.14 -4.50
N SER B 78 -17.03 -2.25 -5.37
CA SER B 78 -16.15 -1.55 -6.32
C SER B 78 -16.89 -0.35 -6.89
N GLY B 79 -16.14 0.49 -7.61
CA GLY B 79 -16.67 1.68 -8.22
C GLY B 79 -15.56 2.51 -8.83
N LYS B 80 -15.94 3.68 -9.33
CA LYS B 80 -14.99 4.66 -9.87
C LYS B 80 -15.21 5.96 -9.11
N THR B 81 -14.14 6.73 -8.91
CA THR B 81 -14.29 8.00 -8.22
C THR B 81 -15.06 9.00 -9.09
N SER B 82 -15.78 9.90 -8.41
CA SER B 82 -16.61 10.93 -9.02
C SER B 82 -15.77 12.12 -9.46
N GLU B 83 -16.43 13.17 -9.95
CA GLU B 83 -15.75 14.41 -10.31
C GLU B 83 -15.08 15.06 -9.11
N SER B 84 -15.53 14.76 -7.89
CA SER B 84 -14.89 15.26 -6.68
C SER B 84 -13.81 14.32 -6.16
N GLY B 85 -13.50 13.26 -6.91
CA GLY B 85 -12.49 12.32 -6.49
C GLY B 85 -12.94 11.36 -5.41
N GLU B 86 -14.24 11.24 -5.20
CA GLU B 86 -14.78 10.48 -4.09
C GLU B 86 -15.56 9.28 -4.58
N LEU B 87 -15.60 8.24 -3.75
CA LEU B 87 -16.43 7.06 -4.01
C LEU B 87 -17.21 6.76 -2.75
N HIS B 88 -18.54 6.88 -2.84
CA HIS B 88 -19.46 6.63 -1.73
C HIS B 88 -20.35 5.41 -2.05
N GLY B 89 -21.12 5.01 -1.05
CA GLY B 89 -22.11 3.96 -1.28
C GLY B 89 -21.52 2.58 -1.45
N LEU B 90 -20.32 2.33 -0.92
CA LEU B 90 -19.68 1.04 -1.12
C LEU B 90 -20.34 -0.06 -0.30
N THR B 91 -20.75 0.24 0.93
CA THR B 91 -21.30 -0.78 1.81
C THR B 91 -22.32 -0.13 2.75
N THR B 92 -22.91 -0.94 3.62
CA THR B 92 -23.82 -0.46 4.65
C THR B 92 -23.29 -0.86 6.01
N GLU B 93 -23.84 -0.24 7.05
CA GLU B 93 -23.47 -0.58 8.42
C GLU B 93 -23.66 -2.06 8.70
N GLU B 94 -24.82 -2.63 8.31
CA GLU B 94 -25.11 -4.04 8.59
C GLU B 94 -24.05 -4.95 7.97
N GLU B 95 -23.63 -4.62 6.75
CA GLU B 95 -22.73 -5.48 5.99
C GLU B 95 -21.28 -5.30 6.37
N PHE B 96 -20.92 -4.14 6.92
CA PHE B 96 -19.52 -3.79 7.17
C PHE B 96 -19.12 -4.26 8.56
N VAL B 97 -18.90 -5.57 8.66
CA VAL B 97 -18.58 -6.23 9.93
C VAL B 97 -17.08 -6.21 10.18
N GLU B 98 -16.67 -6.47 11.41
CA GLU B 98 -15.25 -6.59 11.73
C GLU B 98 -14.58 -7.61 10.80
N GLY B 99 -13.32 -7.36 10.51
CA GLY B 99 -12.57 -8.20 9.60
C GLY B 99 -11.44 -7.40 8.99
N ILE B 100 -10.70 -8.05 8.11
CA ILE B 100 -9.60 -7.41 7.41
C ILE B 100 -10.06 -7.11 6.00
N TYR B 101 -9.80 -5.88 5.54
CA TYR B 101 -10.31 -5.39 4.27
C TYR B 101 -9.15 -4.86 3.45
N LYS B 102 -9.27 -4.97 2.14
CA LYS B 102 -8.25 -4.49 1.22
C LYS B 102 -8.92 -3.62 0.18
N VAL B 103 -8.44 -2.39 0.03
CA VAL B 103 -8.90 -1.50 -1.04
C VAL B 103 -7.79 -1.44 -2.07
N GLU B 104 -8.11 -1.82 -3.29
CA GLU B 104 -7.12 -1.90 -4.37
C GLU B 104 -7.46 -0.85 -5.41
N ILE B 105 -6.61 0.17 -5.53
CA ILE B 105 -6.90 1.35 -6.34
C ILE B 105 -6.08 1.29 -7.62
N ASP B 106 -6.75 1.36 -8.78
CA ASP B 106 -6.06 1.16 -10.06
C ASP B 106 -5.38 2.45 -10.50
N THR B 107 -4.25 2.74 -9.83
CA THR B 107 -3.52 3.97 -10.10
C THR B 107 -2.78 3.92 -11.42
N LYS B 108 -2.34 2.72 -11.83
CA LYS B 108 -1.60 2.60 -13.08
C LYS B 108 -2.43 3.04 -14.29
N SER B 109 -3.70 2.59 -14.37
CA SER B 109 -4.56 3.02 -15.47
C SER B 109 -4.82 4.51 -15.44
N TYR B 110 -4.89 5.09 -14.23
CA TYR B 110 -5.08 6.53 -14.13
C TYR B 110 -3.91 7.29 -14.75
N TRP B 111 -2.68 6.95 -14.37
CA TRP B 111 -1.52 7.65 -14.93
C TRP B 111 -1.37 7.37 -16.42
N LYS B 112 -1.63 6.13 -16.85
CA LYS B 112 -1.55 5.81 -18.27
C LYS B 112 -2.49 6.68 -19.09
N ALA B 113 -3.69 6.93 -18.58
CA ALA B 113 -4.64 7.79 -19.29
C ALA B 113 -4.14 9.21 -19.44
N LEU B 114 -3.26 9.66 -18.55
CA LEU B 114 -2.67 10.98 -18.62
C LEU B 114 -1.34 10.99 -19.36
N GLY B 115 -0.90 9.86 -19.90
CA GLY B 115 0.36 9.81 -20.60
C GLY B 115 1.59 9.83 -19.71
N ILE B 116 1.49 9.34 -18.49
CA ILE B 116 2.58 9.42 -17.51
C ILE B 116 2.92 8.01 -17.06
N SER B 117 4.20 7.65 -17.10
CA SER B 117 4.61 6.28 -16.78
C SER B 117 4.73 6.12 -15.27
N PRO B 118 3.91 5.27 -14.64
CA PRO B 118 3.92 5.18 -13.17
C PRO B 118 4.79 4.06 -12.63
N PHE B 119 5.08 4.10 -11.34
CA PHE B 119 5.85 3.01 -10.73
C PHE B 119 4.96 1.85 -10.27
N HIS B 120 3.88 2.15 -9.56
CA HIS B 120 3.11 1.12 -8.89
C HIS B 120 2.08 0.50 -9.84
N GLU B 121 1.83 -0.79 -9.64
CA GLU B 121 0.74 -1.46 -10.35
C GLU B 121 -0.62 -0.97 -9.85
N HIS B 122 -0.74 -0.82 -8.54
CA HIS B 122 -1.92 -0.24 -7.92
C HIS B 122 -1.50 0.28 -6.55
N ALA B 123 -2.42 1.00 -5.91
CA ALA B 123 -2.24 1.43 -4.54
C ALA B 123 -3.11 0.53 -3.68
N GLU B 124 -2.52 -0.05 -2.64
CA GLU B 124 -3.20 -1.06 -1.83
C GLU B 124 -3.33 -0.57 -0.40
N VAL B 125 -4.54 -0.62 0.14
CA VAL B 125 -4.79 -0.20 1.51
C VAL B 125 -5.44 -1.38 2.23
N VAL B 126 -4.72 -1.98 3.16
CA VAL B 126 -5.20 -3.17 3.88
C VAL B 126 -5.36 -2.80 5.35
N PHE B 127 -6.54 -3.02 5.91
CA PHE B 127 -6.79 -2.51 7.24
C PHE B 127 -7.70 -3.45 8.00
N THR B 128 -7.62 -3.37 9.33
CA THR B 128 -8.48 -4.12 10.23
C THR B 128 -9.61 -3.20 10.67
N ALA B 129 -10.85 -3.63 10.44
CA ALA B 129 -12.02 -2.90 10.88
C ALA B 129 -12.47 -3.48 12.21
N ASN B 130 -12.52 -2.64 13.24
CA ASN B 130 -12.86 -3.08 14.59
C ASN B 130 -13.98 -2.21 15.14
N ASP B 131 -15.00 -2.84 15.69
CA ASP B 131 -16.11 -2.12 16.34
C ASP B 131 -15.62 -1.55 17.67
N SER B 132 -15.24 -0.28 17.65
CA SER B 132 -15.04 0.51 18.86
C SER B 132 -16.02 1.66 18.76
N GLY B 133 -17.26 1.42 19.19
CA GLY B 133 -18.30 2.42 19.13
C GLY B 133 -18.71 2.74 17.71
N PRO B 134 -19.59 3.73 17.56
CA PRO B 134 -19.93 4.20 16.21
C PRO B 134 -18.70 4.78 15.52
N ARG B 135 -18.55 4.41 14.25
CA ARG B 135 -17.33 4.74 13.51
C ARG B 135 -17.65 4.76 12.02
N ARG B 136 -17.22 5.83 11.36
CA ARG B 136 -17.28 5.96 9.91
C ARG B 136 -15.87 6.14 9.40
N TYR B 137 -15.51 5.44 8.33
CA TYR B 137 -14.14 5.42 7.83
C TYR B 137 -14.03 6.22 6.53
N THR B 138 -13.07 7.12 6.47
CA THR B 138 -12.67 7.74 5.20
C THR B 138 -11.23 7.33 4.91
N ILE B 139 -11.04 6.72 3.76
CA ILE B 139 -9.72 6.32 3.27
C ILE B 139 -9.31 7.35 2.23
N ALA B 140 -8.22 8.06 2.45
CA ALA B 140 -7.72 9.01 1.46
C ALA B 140 -6.41 8.52 0.88
N ALA B 141 -6.21 8.79 -0.41
CA ALA B 141 -4.99 8.42 -1.10
C ALA B 141 -4.52 9.60 -1.93
N LEU B 142 -3.25 9.95 -1.82
CA LEU B 142 -2.66 11.07 -2.54
C LEU B 142 -1.65 10.48 -3.50
N LEU B 143 -1.82 10.74 -4.80
CA LEU B 143 -1.10 9.99 -5.83
C LEU B 143 -0.07 10.86 -6.55
N SER B 144 1.13 10.32 -6.70
CA SER B 144 2.16 10.80 -7.60
C SER B 144 2.65 9.63 -8.44
N PRO B 145 3.33 9.90 -9.56
CA PRO B 145 3.75 8.78 -10.43
C PRO B 145 4.61 7.74 -9.75
N TYR B 146 5.55 8.16 -8.90
CA TYR B 146 6.46 7.26 -8.21
C TYR B 146 6.25 7.24 -6.70
N SER B 147 5.11 7.71 -6.22
CA SER B 147 4.91 7.76 -4.78
C SER B 147 3.41 7.84 -4.50
N TYR B 148 2.97 7.24 -3.40
CA TYR B 148 1.63 7.51 -2.92
C TYR B 148 1.60 7.52 -1.39
N SER B 149 0.64 8.25 -0.85
CA SER B 149 0.37 8.27 0.57
CA SER B 149 0.38 8.21 0.57
C SER B 149 -1.08 7.88 0.80
N THR B 150 -1.34 7.25 1.94
CA THR B 150 -2.72 6.88 2.26
C THR B 150 -2.95 7.18 3.73
N THR B 151 -4.12 7.69 4.03
CA THR B 151 -4.46 8.06 5.39
C THR B 151 -5.87 7.59 5.66
N ALA B 152 -6.18 7.38 6.93
CA ALA B 152 -7.53 7.06 7.36
C ALA B 152 -7.97 8.08 8.39
N VAL B 153 -9.18 8.58 8.20
CA VAL B 153 -9.83 9.44 9.18
C VAL B 153 -11.01 8.64 9.71
N VAL B 154 -10.98 8.32 11.01
CA VAL B 154 -12.01 7.52 11.65
C VAL B 154 -12.73 8.42 12.65
N THR B 155 -14.03 8.65 12.42
CA THR B 155 -14.80 9.56 13.25
C THR B 155 -16.10 8.90 13.69
N ASN B 156 -16.83 9.58 14.56
CA ASN B 156 -18.06 9.04 15.12
C ASN B 156 -19.29 9.66 14.48
CAA JAL C . 10.48 8.62 2.42
CAB JAL C . 11.31 9.74 2.65
CAC JAL C . 9.16 8.81 2.02
CAD JAL C . 10.74 11.01 2.49
CAE JAL C . 8.63 10.08 1.87
CAF JAL C . 9.42 11.18 2.11
CAG JAL C . 12.79 9.59 3.12
CAH JAL C . 13.79 8.91 2.16
CAI JAL C . 13.41 8.16 1.05
CAJ JAL C . 15.16 9.02 2.40
CAK JAL C . 14.36 7.57 0.22
CAL JAL C . 16.12 8.43 1.60
CAM JAL C . 15.72 7.70 0.49
OAN JAL C . 11.53 12.07 2.73
OAO JAL C . 15.52 9.75 3.49
CLP JAL C . 13.88 6.64 -1.18
CLQ JAL C . 8.13 7.47 1.72
CA CA D . -14.47 -5.84 19.29
CAA JAL E . -7.34 13.60 3.29
CAB JAL E . -7.20 14.64 2.38
CAC JAL E . -8.60 13.15 3.68
CAD JAL E . -8.36 15.24 1.89
CAE JAL E . -9.74 13.76 3.19
CAF JAL E . -9.62 14.81 2.28
CAG JAL E . -5.83 15.17 1.92
CAH JAL E . -4.62 14.24 2.22
CAI JAL E . -4.61 12.90 1.87
CAJ JAL E . -3.49 14.79 2.84
CAK JAL E . -3.49 12.11 2.15
CAL JAL E . -2.39 14.01 3.13
CAM JAL E . -2.39 12.67 2.78
OAN JAL E . -8.19 16.26 1.02
OAO JAL E . -3.55 16.11 3.16
CLP JAL E . -3.48 10.42 1.73
CLQ JAL E . -8.74 11.86 4.80
#